data_7O2S
#
_entry.id   7O2S
#
_cell.length_a   77.814
_cell.length_b   77.814
_cell.length_c   138.248
_cell.angle_alpha   90.000
_cell.angle_beta   90.000
_cell.angle_gamma   90.000
#
_symmetry.space_group_name_H-M   'P 41 21 2'
#
loop_
_entity.id
_entity.type
_entity.pdbx_description
1 polymer 'Carbonic anhydrase'
2 branched 2-acetamido-2-deoxy-beta-D-glucopyranose-(1-4)-2-acetamido-2-deoxy-beta-D-glucopyranose
3 non-polymer 2-acetamido-2-deoxy-beta-D-glucopyranose
4 non-polymer 'ZINC ION'
5 water water
#
_entity_poly.entity_id   1
_entity_poly.type   'polypeptide(L)'
_entity_poly.pdbx_seq_one_letter_code
;METDTLLLWVLLLWVPGSTGDAAQPARRANGSEWSYTNILTGPETWHEHYKNMCSGYYQSPIDLKTDISTLDLKLKTVII
YRNTSSTETTTIQNNGHSAEVKFPRNTWFISFDGILDYKYEIIQMHFHWGNTDDRGSEHTIDGFRFPLEGHIVSFRRQMY
SSPSEAIGRPGGLAVLGIMHQIVESIKYEQTAFKAYNNFSGVLNSQFVPPNNSTIDDINLALLLSLLNPSRYFRYLGSLT
TPPCTENVLWTVFIDPVLITREQINLFRNLPYGSNEKQTRMGDNFRPIQLLNPIDTLASRTLYRATARGGPEQKLISEED
LNSAVDHHHHHH
;
_entity_poly.pdbx_strand_id   A
#
# COMPACT_ATOMS: atom_id res chain seq x y z
N GLU A 33 16.03 -11.99 5.06
CA GLU A 33 15.89 -12.91 6.25
C GLU A 33 15.03 -12.25 7.33
N TRP A 34 14.07 -11.42 6.89
CA TRP A 34 12.99 -10.98 7.76
C TRP A 34 11.73 -11.73 7.34
N SER A 35 10.81 -11.92 8.29
CA SER A 35 9.54 -12.53 7.95
C SER A 35 8.42 -11.91 8.77
N TYR A 36 7.19 -12.38 8.51
CA TYR A 36 6.02 -12.14 9.35
C TYR A 36 5.83 -13.28 10.35
N THR A 37 5.98 -14.53 9.91
CA THR A 37 5.44 -15.65 10.67
C THR A 37 6.54 -16.45 11.39
N ASN A 38 7.81 -16.16 11.09
CA ASN A 38 8.91 -16.82 11.76
C ASN A 38 9.32 -15.98 12.98
N ILE A 39 9.03 -16.50 14.19
CA ILE A 39 9.15 -15.72 15.43
C ILE A 39 10.58 -15.23 15.67
N LEU A 40 11.57 -15.79 14.98
CA LEU A 40 12.95 -15.40 15.21
C LEU A 40 13.32 -14.23 14.30
N THR A 41 12.53 -13.99 13.25
CA THR A 41 12.87 -12.99 12.25
C THR A 41 11.67 -12.06 12.01
N GLY A 42 10.62 -12.26 12.82
CA GLY A 42 9.32 -11.65 12.64
C GLY A 42 9.31 -10.20 13.10
N PRO A 43 8.17 -9.51 12.96
CA PRO A 43 8.12 -8.06 13.15
C PRO A 43 8.69 -7.54 14.48
N GLU A 44 8.38 -8.20 15.60
CA GLU A 44 8.90 -7.81 16.91
C GLU A 44 10.42 -7.66 16.88
N THR A 45 11.09 -8.29 15.91
CA THR A 45 12.55 -8.28 15.92
C THR A 45 13.11 -7.28 14.89
N TRP A 46 12.24 -6.65 14.09
CA TRP A 46 12.76 -5.79 13.04
C TRP A 46 13.56 -4.59 13.58
N HIS A 47 13.15 -4.08 14.75
CA HIS A 47 13.80 -2.90 15.28
C HIS A 47 15.24 -3.22 15.68
N GLU A 48 15.53 -4.52 15.85
CA GLU A 48 16.86 -4.93 16.24
C GLU A 48 17.65 -5.33 14.99
N HIS A 49 17.03 -6.11 14.09
CA HIS A 49 17.78 -6.68 12.97
C HIS A 49 17.97 -5.66 11.84
N TYR A 50 17.24 -4.53 11.88
CA TYR A 50 17.34 -3.45 10.90
C TYR A 50 17.09 -2.10 11.58
N LYS A 51 18.02 -1.70 12.48
CA LYS A 51 17.87 -0.54 13.34
C LYS A 51 17.63 0.71 12.49
N ASN A 52 18.32 0.77 11.34
CA ASN A 52 18.10 1.77 10.30
C ASN A 52 17.07 1.21 9.30
N MET A 53 15.80 1.61 9.40
CA MET A 53 15.28 2.58 10.34
C MET A 53 14.07 2.00 11.08
N CYS A 54 14.00 0.67 11.18
CA CYS A 54 12.88 0.01 11.85
C CYS A 54 12.86 0.30 13.35
N SER A 55 13.81 1.09 13.84
CA SER A 55 13.83 1.41 15.25
C SER A 55 13.54 2.90 15.44
N GLY A 56 13.22 3.60 14.34
CA GLY A 56 12.91 5.02 14.39
C GLY A 56 11.56 5.32 15.06
N TYR A 57 11.17 6.60 15.06
CA TYR A 57 9.96 6.95 15.77
C TYR A 57 8.98 7.64 14.81
N TYR A 58 9.18 7.46 13.51
CA TYR A 58 8.18 7.86 12.53
C TYR A 58 7.79 6.65 11.67
N GLN A 59 7.39 5.56 12.34
CA GLN A 59 7.06 4.29 11.71
C GLN A 59 5.60 4.24 11.23
N SER A 60 5.33 3.34 10.29
CA SER A 60 3.98 2.99 9.87
C SER A 60 3.78 1.48 10.05
N PRO A 61 2.52 0.97 10.07
CA PRO A 61 1.33 1.84 10.04
C PRO A 61 1.00 2.28 11.45
N ILE A 62 -0.02 3.14 11.56
CA ILE A 62 -0.55 3.66 12.81
C ILE A 62 -2.06 3.45 12.78
N ASP A 63 -2.68 3.73 13.92
CA ASP A 63 -4.12 3.75 13.97
C ASP A 63 -4.51 5.16 13.52
N LEU A 64 -5.29 5.28 12.44
CA LEU A 64 -5.73 6.60 12.03
C LEU A 64 -6.95 6.98 12.87
N LYS A 65 -6.75 7.80 13.91
CA LYS A 65 -7.82 8.14 14.84
C LYS A 65 -8.50 9.43 14.41
N THR A 66 -9.67 9.35 13.81
CA THR A 66 -10.41 10.53 13.35
C THR A 66 -10.36 11.64 14.41
N ASP A 67 -10.54 11.30 15.71
CA ASP A 67 -10.80 12.32 16.71
C ASP A 67 -9.49 12.90 17.23
N ILE A 68 -8.37 12.27 16.89
CA ILE A 68 -7.08 12.82 17.25
C ILE A 68 -6.30 13.14 15.98
N SER A 69 -6.82 14.02 15.11
CA SER A 69 -6.14 14.40 13.88
C SER A 69 -6.54 15.85 13.61
N THR A 70 -5.74 16.60 12.83
CA THR A 70 -6.07 17.98 12.54
C THR A 70 -6.58 18.01 11.10
N LEU A 71 -7.83 18.46 10.95
CA LEU A 71 -8.36 18.69 9.63
C LEU A 71 -7.52 19.78 8.99
N ASP A 72 -7.10 19.56 7.75
CA ASP A 72 -6.33 20.58 7.03
C ASP A 72 -6.97 20.82 5.66
N LEU A 73 -7.70 21.94 5.56
CA LEU A 73 -8.58 22.19 4.43
C LEU A 73 -7.76 22.52 3.18
N LYS A 74 -6.43 22.66 3.31
CA LYS A 74 -5.63 22.98 2.14
C LYS A 74 -5.20 21.71 1.39
N LEU A 75 -5.56 20.51 1.90
CA LEU A 75 -5.20 19.26 1.23
C LEU A 75 -6.25 18.90 0.17
N LYS A 76 -5.77 18.71 -1.05
CA LYS A 76 -6.62 18.69 -2.22
C LYS A 76 -6.95 17.25 -2.63
N THR A 77 -7.89 17.14 -3.59
CA THR A 77 -8.32 15.87 -4.14
C THR A 77 -7.10 15.22 -4.79
N VAL A 78 -6.87 13.95 -4.44
CA VAL A 78 -5.80 13.18 -5.06
C VAL A 78 -6.23 12.84 -6.49
N ILE A 79 -5.31 13.05 -7.44
CA ILE A 79 -5.52 12.65 -8.83
C ILE A 79 -4.45 11.63 -9.24
N ILE A 80 -4.92 10.52 -9.87
CA ILE A 80 -4.09 9.54 -10.58
C ILE A 80 -4.36 9.64 -12.08
N TYR A 81 -3.27 9.73 -12.86
CA TYR A 81 -3.33 10.02 -14.29
C TYR A 81 -2.20 9.27 -15.00
N ARG A 82 -2.47 8.93 -16.28
CA ARG A 82 -1.60 8.08 -17.07
C ARG A 82 -0.96 8.88 -18.21
N ASN A 83 0.32 8.58 -18.50
CA ASN A 83 0.98 8.95 -19.74
C ASN A 83 0.47 8.01 -20.84
N THR A 84 -0.46 8.50 -21.64
CA THR A 84 -1.14 7.67 -22.67
C THR A 84 -0.17 7.26 -23.77
N SER A 85 0.97 7.95 -23.89
CA SER A 85 1.97 7.57 -24.90
C SER A 85 2.69 6.29 -24.46
N SER A 86 2.76 6.05 -23.15
CA SER A 86 3.39 4.81 -22.62
C SER A 86 2.64 3.62 -23.20
N THR A 87 3.38 2.61 -23.66
CA THR A 87 2.81 1.43 -24.30
C THR A 87 3.48 0.16 -23.77
N GLU A 88 4.44 0.33 -22.87
CA GLU A 88 5.14 -0.84 -22.26
C GLU A 88 4.17 -1.64 -21.40
N THR A 89 4.43 -2.93 -21.27
CA THR A 89 3.54 -3.88 -20.54
C THR A 89 3.66 -3.77 -19.03
N THR A 90 2.64 -4.24 -18.32
CA THR A 90 2.54 -4.26 -16.84
C THR A 90 2.73 -5.70 -16.36
N THR A 91 3.44 -5.93 -15.25
CA THR A 91 3.71 -7.28 -14.77
C THR A 91 3.23 -7.46 -13.32
N ILE A 92 3.26 -8.70 -12.84
CA ILE A 92 2.97 -9.01 -11.45
C ILE A 92 3.93 -10.13 -11.04
N GLN A 93 4.11 -10.30 -9.71
CA GLN A 93 5.16 -11.14 -9.15
C GLN A 93 4.80 -11.59 -7.74
N ASN A 94 5.18 -12.81 -7.39
CA ASN A 94 5.20 -13.19 -5.99
C ASN A 94 6.64 -13.03 -5.49
N ASN A 95 6.85 -12.10 -4.55
CA ASN A 95 8.17 -11.70 -4.09
C ASN A 95 8.52 -12.43 -2.79
N GLY A 96 7.66 -13.37 -2.38
CA GLY A 96 7.78 -13.98 -1.05
C GLY A 96 7.06 -13.21 0.07
N HIS A 97 6.71 -11.93 -0.14
CA HIS A 97 6.14 -11.07 0.90
C HIS A 97 4.73 -10.61 0.53
N SER A 98 4.54 -10.22 -0.74
CA SER A 98 3.24 -9.79 -1.21
C SER A 98 3.07 -10.21 -2.67
N ALA A 99 1.84 -10.07 -3.21
CA ALA A 99 1.63 -10.02 -4.64
C ALA A 99 1.85 -8.58 -5.10
N GLU A 100 2.90 -8.36 -5.90
CA GLU A 100 3.34 -7.02 -6.23
C GLU A 100 3.22 -6.80 -7.74
N VAL A 101 2.49 -5.76 -8.14
CA VAL A 101 2.39 -5.32 -9.52
C VAL A 101 3.52 -4.33 -9.79
N LYS A 102 4.35 -4.60 -10.81
CA LYS A 102 5.41 -3.70 -11.21
C LYS A 102 4.96 -2.96 -12.45
N PHE A 103 4.89 -1.62 -12.38
CA PHE A 103 4.43 -0.86 -13.52
C PHE A 103 5.63 -0.38 -14.33
N PRO A 104 5.48 -0.19 -15.64
CA PRO A 104 6.56 0.39 -16.43
C PRO A 104 6.72 1.83 -15.96
N ARG A 105 7.92 2.40 -16.20
CA ARG A 105 8.26 3.78 -15.88
C ARG A 105 7.47 4.73 -16.79
N ASN A 106 7.36 6.00 -16.39
CA ASN A 106 6.75 7.05 -17.18
C ASN A 106 5.32 6.72 -17.60
N THR A 107 4.62 5.91 -16.80
CA THR A 107 3.29 5.45 -17.16
C THR A 107 2.20 6.14 -16.34
N TRP A 108 2.23 5.97 -15.00
CA TRP A 108 1.22 6.33 -14.01
C TRP A 108 1.73 7.38 -13.01
N PHE A 109 0.92 8.43 -12.77
CA PHE A 109 1.35 9.53 -11.94
C PHE A 109 0.30 9.88 -10.87
N ILE A 110 0.78 10.49 -9.76
CA ILE A 110 -0.07 11.10 -8.77
C ILE A 110 0.14 12.62 -8.76
N SER A 111 -0.96 13.35 -8.62
CA SER A 111 -0.95 14.80 -8.36
C SER A 111 -1.72 15.12 -7.08
N PHE A 112 -1.07 15.87 -6.17
CA PHE A 112 -1.68 16.29 -4.91
C PHE A 112 -2.05 17.78 -4.96
N ASP A 113 -1.79 18.45 -6.10
CA ASP A 113 -1.87 19.90 -6.17
C ASP A 113 -2.74 20.34 -7.35
N GLY A 114 -3.41 19.39 -8.01
CA GLY A 114 -4.23 19.72 -9.15
C GLY A 114 -3.44 19.95 -10.45
N ILE A 115 -2.11 19.90 -10.39
CA ILE A 115 -1.29 20.19 -11.56
C ILE A 115 -0.82 18.87 -12.17
N LEU A 116 -0.99 18.70 -13.48
CA LEU A 116 -0.62 17.43 -14.12
C LEU A 116 0.78 17.56 -14.70
N ASP A 117 1.79 17.46 -13.82
CA ASP A 117 3.13 17.83 -14.23
C ASP A 117 4.14 16.78 -13.78
N TYR A 118 3.67 15.55 -13.53
CA TYR A 118 4.55 14.41 -13.32
C TYR A 118 5.46 14.58 -12.10
N LYS A 119 4.95 15.16 -11.00
CA LYS A 119 5.72 15.35 -9.77
C LYS A 119 6.01 14.03 -9.07
N TYR A 120 5.03 13.10 -9.06
CA TYR A 120 5.08 11.78 -8.43
C TYR A 120 4.73 10.73 -9.48
N GLU A 121 5.57 9.68 -9.55
CA GLU A 121 5.47 8.64 -10.57
C GLU A 121 5.25 7.31 -9.85
N ILE A 122 4.19 6.58 -10.26
CA ILE A 122 3.86 5.32 -9.61
C ILE A 122 4.85 4.25 -10.08
N ILE A 123 5.33 3.44 -9.14
CA ILE A 123 6.35 2.44 -9.40
C ILE A 123 5.66 1.08 -9.46
N GLN A 124 4.82 0.81 -8.47
CA GLN A 124 4.50 -0.54 -8.06
C GLN A 124 3.29 -0.50 -7.12
N MET A 125 2.43 -1.53 -7.15
CA MET A 125 1.34 -1.68 -6.19
C MET A 125 1.34 -3.07 -5.59
N HIS A 126 1.16 -3.20 -4.26
CA HIS A 126 1.20 -4.49 -3.57
C HIS A 126 0.07 -4.52 -2.55
N PHE A 127 -0.07 -5.61 -1.79
CA PHE A 127 -1.26 -5.87 -0.99
C PHE A 127 -0.91 -6.53 0.34
N HIS A 128 -1.78 -6.34 1.33
CA HIS A 128 -1.61 -6.91 2.65
C HIS A 128 -2.95 -7.47 3.06
N TRP A 129 -2.96 -8.75 3.43
CA TRP A 129 -4.20 -9.40 3.77
C TRP A 129 -3.98 -10.36 4.94
N GLY A 130 -5.11 -10.85 5.49
CA GLY A 130 -5.11 -11.79 6.59
C GLY A 130 -5.35 -13.24 6.13
N ASN A 131 -5.24 -14.16 7.11
CA ASN A 131 -5.57 -15.56 6.98
C ASN A 131 -7.09 -15.73 7.02
N THR A 132 -7.76 -14.92 7.83
CA THR A 132 -9.21 -14.93 7.87
C THR A 132 -9.72 -13.57 7.37
N ASP A 133 -11.04 -13.45 7.21
CA ASP A 133 -11.65 -12.26 6.63
C ASP A 133 -11.64 -11.08 7.60
N ASP A 134 -11.39 -11.37 8.88
CA ASP A 134 -11.60 -10.35 9.88
C ASP A 134 -10.32 -9.55 10.12
N ARG A 135 -9.27 -9.75 9.31
CA ARG A 135 -8.05 -8.96 9.45
C ARG A 135 -7.24 -8.97 8.16
N GLY A 136 -6.14 -8.21 8.15
CA GLY A 136 -5.26 -8.16 6.98
C GLY A 136 -4.68 -6.78 6.70
N SER A 137 -5.39 -5.71 7.10
CA SER A 137 -4.90 -4.38 6.82
C SER A 137 -3.77 -4.02 7.79
N GLU A 138 -2.93 -3.06 7.40
CA GLU A 138 -1.85 -2.53 8.20
C GLU A 138 -2.34 -1.33 9.03
N HIS A 139 -2.87 -0.31 8.36
CA HIS A 139 -3.55 0.76 9.07
C HIS A 139 -4.87 0.25 9.61
N THR A 140 -5.28 0.82 10.75
CA THR A 140 -6.67 0.73 11.19
C THR A 140 -7.33 2.12 11.16
N ILE A 141 -8.65 2.16 11.07
CA ILE A 141 -9.36 3.42 11.18
C ILE A 141 -10.27 3.34 12.41
N ASP A 142 -9.93 4.14 13.41
CA ASP A 142 -10.63 4.19 14.68
C ASP A 142 -10.67 2.77 15.24
N GLY A 143 -9.54 2.07 15.13
CA GLY A 143 -9.44 0.73 15.70
C GLY A 143 -9.90 -0.38 14.75
N PHE A 144 -10.71 -0.08 13.72
CA PHE A 144 -11.25 -1.09 12.82
C PHE A 144 -10.18 -1.58 11.83
N ARG A 145 -10.02 -2.90 11.70
CA ARG A 145 -9.18 -3.53 10.69
C ARG A 145 -9.98 -3.75 9.41
N PHE A 146 -9.29 -3.93 8.28
CA PHE A 146 -9.99 -4.30 7.06
C PHE A 146 -9.39 -5.60 6.54
N PRO A 147 -10.08 -6.34 5.65
CA PRO A 147 -9.54 -7.60 5.13
C PRO A 147 -8.34 -7.48 4.19
N LEU A 148 -8.28 -6.39 3.42
CA LEU A 148 -7.22 -6.19 2.44
C LEU A 148 -6.96 -4.70 2.34
N GLU A 149 -5.67 -4.34 2.29
CA GLU A 149 -5.19 -3.00 2.08
C GLU A 149 -4.17 -3.03 0.95
N GLY A 150 -4.41 -2.26 -0.13
CA GLY A 150 -3.39 -2.12 -1.16
C GLY A 150 -2.54 -0.87 -0.93
N HIS A 151 -1.26 -0.93 -1.35
CA HIS A 151 -0.33 0.19 -1.43
C HIS A 151 0.10 0.46 -2.87
N ILE A 152 -0.23 1.66 -3.36
CA ILE A 152 0.32 2.22 -4.59
C ILE A 152 1.54 3.05 -4.22
N VAL A 153 2.72 2.64 -4.71
CA VAL A 153 3.98 3.22 -4.28
C VAL A 153 4.59 4.02 -5.42
N SER A 154 4.84 5.32 -5.14
CA SER A 154 5.37 6.29 -6.09
C SER A 154 6.61 6.99 -5.52
N PHE A 155 7.40 7.56 -6.44
CA PHE A 155 8.61 8.29 -6.09
C PHE A 155 8.43 9.77 -6.42
N ARG A 156 9.09 10.59 -5.60
CA ARG A 156 9.07 12.03 -5.82
C ARG A 156 9.99 12.36 -7.00
N ARG A 157 9.35 12.49 -8.18
CA ARG A 157 10.03 12.61 -9.46
C ARG A 157 10.46 14.04 -9.67
N GLN A 158 9.77 14.98 -9.00
CA GLN A 158 10.08 16.40 -9.06
C GLN A 158 11.48 16.62 -8.50
N MET A 159 11.92 15.70 -7.64
CA MET A 159 13.18 15.86 -6.95
C MET A 159 14.18 14.82 -7.44
N TYR A 160 13.70 13.61 -7.77
CA TYR A 160 14.59 12.49 -8.04
C TYR A 160 14.30 11.89 -9.41
N SER A 161 15.38 11.38 -10.02
CA SER A 161 15.46 10.97 -11.41
C SER A 161 14.72 9.66 -11.65
N SER A 162 14.86 8.71 -10.70
CA SER A 162 14.47 7.32 -10.88
C SER A 162 14.00 6.72 -9.57
N PRO A 163 13.25 5.60 -9.61
CA PRO A 163 12.82 4.91 -8.38
C PRO A 163 13.98 4.60 -7.44
N SER A 164 15.13 4.20 -7.99
CA SER A 164 16.18 3.71 -7.10
C SER A 164 16.93 4.91 -6.52
N GLU A 165 16.83 6.06 -7.18
CA GLU A 165 17.31 7.29 -6.59
C GLU A 165 16.50 7.61 -5.33
N ALA A 166 15.19 7.37 -5.41
CA ALA A 166 14.25 7.88 -4.43
C ALA A 166 14.28 7.04 -3.15
N ILE A 167 14.22 5.70 -3.34
CA ILE A 167 13.82 4.74 -2.32
C ILE A 167 14.58 4.92 -1.00
N GLY A 168 15.84 5.39 -1.08
CA GLY A 168 16.71 5.53 0.08
C GLY A 168 17.00 6.97 0.49
N ARG A 169 16.49 7.94 -0.27
CA ARG A 169 16.74 9.38 0.04
C ARG A 169 15.57 9.95 0.84
N PRO A 170 15.78 11.02 1.62
CA PRO A 170 14.71 11.64 2.37
C PRO A 170 13.62 12.24 1.47
N GLY A 171 12.39 12.22 1.95
CA GLY A 171 11.24 12.76 1.24
C GLY A 171 11.07 12.17 -0.17
N GLY A 172 11.52 10.92 -0.36
CA GLY A 172 11.64 10.30 -1.67
C GLY A 172 10.36 9.64 -2.17
N LEU A 173 9.48 9.19 -1.26
CA LEU A 173 8.36 8.33 -1.61
C LEU A 173 7.02 8.87 -1.12
N ALA A 174 5.99 8.68 -1.96
CA ALA A 174 4.61 8.94 -1.58
C ALA A 174 3.80 7.69 -1.86
N VAL A 175 3.09 7.19 -0.85
CA VAL A 175 2.32 5.96 -0.98
C VAL A 175 0.83 6.24 -0.71
N LEU A 176 -0.05 5.61 -1.49
CA LEU A 176 -1.48 5.64 -1.23
C LEU A 176 -1.90 4.31 -0.60
N GLY A 177 -2.66 4.37 0.50
CA GLY A 177 -3.29 3.21 1.10
C GLY A 177 -4.75 3.12 0.70
N ILE A 178 -5.15 1.95 0.21
CA ILE A 178 -6.53 1.71 -0.21
C ILE A 178 -7.11 0.54 0.57
N MET A 179 -8.14 0.82 1.40
CA MET A 179 -8.90 -0.18 2.15
C MET A 179 -9.91 -0.90 1.23
N HIS A 180 -10.11 -2.21 1.49
CA HIS A 180 -11.07 -3.04 0.79
C HIS A 180 -12.04 -3.65 1.79
N GLN A 181 -13.31 -3.67 1.41
CA GLN A 181 -14.34 -4.22 2.27
C GLN A 181 -15.05 -5.38 1.56
N ILE A 182 -15.31 -6.46 2.32
CA ILE A 182 -15.89 -7.67 1.78
C ILE A 182 -17.41 -7.51 1.72
N VAL A 183 -17.95 -7.81 0.55
CA VAL A 183 -19.35 -7.56 0.24
C VAL A 183 -19.90 -8.81 -0.48
N GLU A 184 -21.22 -9.07 -0.39
CA GLU A 184 -21.75 -10.32 -0.94
C GLU A 184 -22.56 -10.15 -2.22
N SER A 185 -23.66 -9.39 -2.22
CA SER A 185 -24.53 -9.50 -3.38
C SER A 185 -24.23 -8.41 -4.42
N ILE A 186 -23.13 -8.54 -5.15
CA ILE A 186 -22.64 -7.40 -5.91
C ILE A 186 -22.26 -7.81 -7.32
N LYS A 187 -22.41 -6.89 -8.27
CA LYS A 187 -21.97 -7.10 -9.64
C LYS A 187 -20.46 -6.89 -9.72
N TYR A 188 -19.79 -7.63 -10.63
CA TYR A 188 -18.34 -7.67 -10.73
C TYR A 188 -17.75 -6.31 -11.12
N GLU A 189 -18.45 -5.56 -11.98
CA GLU A 189 -17.97 -4.30 -12.51
C GLU A 189 -17.98 -3.24 -11.42
N GLN A 190 -18.63 -3.53 -10.30
CA GLN A 190 -18.66 -2.61 -9.19
C GLN A 190 -17.59 -2.98 -8.16
N THR A 191 -16.88 -4.12 -8.32
CA THR A 191 -15.81 -4.41 -7.38
C THR A 191 -14.48 -3.85 -7.90
N ALA A 192 -13.53 -3.76 -6.97
CA ALA A 192 -12.16 -3.37 -7.29
C ALA A 192 -11.59 -4.22 -8.43
N PHE A 193 -11.84 -5.55 -8.41
CA PHE A 193 -11.17 -6.45 -9.34
C PHE A 193 -11.43 -6.03 -10.80
N LYS A 194 -12.52 -5.30 -11.02
CA LYS A 194 -12.76 -4.79 -12.36
C LYS A 194 -11.61 -3.88 -12.75
N ALA A 195 -11.28 -2.93 -11.86
CA ALA A 195 -10.15 -2.01 -12.02
C ALA A 195 -8.81 -2.76 -12.13
N TYR A 196 -8.65 -3.82 -11.33
CA TYR A 196 -7.49 -4.68 -11.41
C TYR A 196 -7.50 -5.52 -12.69
N ASN A 197 -8.63 -5.51 -13.44
CA ASN A 197 -8.89 -6.44 -14.53
C ASN A 197 -8.62 -7.87 -14.06
N ASN A 198 -8.96 -8.12 -12.80
CA ASN A 198 -8.98 -9.47 -12.24
C ASN A 198 -7.58 -10.09 -12.26
N PHE A 199 -6.56 -9.23 -12.37
CA PHE A 199 -5.16 -9.59 -12.43
C PHE A 199 -4.92 -10.58 -13.57
N SER A 200 -5.68 -10.41 -14.66
CA SER A 200 -5.59 -11.28 -15.85
C SER A 200 -5.59 -12.76 -15.47
N GLY A 201 -6.37 -13.14 -14.45
CA GLY A 201 -6.54 -14.53 -14.08
C GLY A 201 -5.34 -15.17 -13.40
N VAL A 202 -4.26 -14.40 -13.16
CA VAL A 202 -2.95 -14.92 -12.78
C VAL A 202 -2.93 -15.51 -11.36
N LEU A 203 -3.97 -15.24 -10.56
CA LEU A 203 -3.87 -15.61 -9.15
C LEU A 203 -4.32 -17.04 -8.92
N ASN A 204 -3.42 -17.86 -8.35
CA ASN A 204 -3.60 -19.30 -8.11
C ASN A 204 -2.42 -19.93 -7.36
N SER A 205 -2.61 -21.23 -7.03
CA SER A 205 -1.68 -22.11 -6.34
C SER A 205 -0.32 -22.13 -7.04
N GLN A 206 -0.36 -22.05 -8.38
CA GLN A 206 0.79 -22.25 -9.25
C GLN A 206 1.79 -21.09 -9.11
N PHE A 207 1.26 -19.87 -8.89
CA PHE A 207 2.05 -18.65 -8.85
C PHE A 207 3.01 -18.66 -7.65
N VAL A 208 4.32 -18.78 -7.91
CA VAL A 208 5.31 -19.07 -6.88
C VAL A 208 6.49 -18.08 -6.97
N PRO A 209 7.18 -17.77 -5.84
CA PRO A 209 8.36 -16.89 -5.86
C PRO A 209 9.50 -17.44 -6.72
N PRO A 210 10.33 -16.58 -7.38
CA PRO A 210 10.02 -15.17 -7.56
C PRO A 210 9.41 -14.95 -8.95
N ASN A 211 8.63 -15.94 -9.40
CA ASN A 211 8.16 -16.00 -10.77
C ASN A 211 7.33 -14.77 -11.11
N ASN A 212 7.80 -13.99 -12.09
CA ASN A 212 7.04 -12.86 -12.57
C ASN A 212 6.00 -13.36 -13.58
N SER A 213 5.28 -12.42 -14.22
CA SER A 213 4.14 -12.76 -15.05
C SER A 213 3.50 -11.49 -15.64
N THR A 214 3.11 -11.55 -16.92
CA THR A 214 2.49 -10.44 -17.63
C THR A 214 0.98 -10.45 -17.37
N ILE A 215 0.41 -9.25 -17.18
CA ILE A 215 -1.02 -9.05 -17.01
C ILE A 215 -1.45 -7.81 -17.78
N ASP A 216 -2.76 -7.65 -17.95
CA ASP A 216 -3.30 -6.41 -18.50
C ASP A 216 -3.17 -5.34 -17.42
N ASP A 217 -3.03 -4.08 -17.88
CA ASP A 217 -2.80 -2.90 -17.07
C ASP A 217 -3.96 -2.72 -16.08
N ILE A 218 -3.63 -2.39 -14.82
CA ILE A 218 -4.59 -1.99 -13.81
C ILE A 218 -5.08 -0.60 -14.18
N ASN A 219 -6.40 -0.41 -14.24
CA ASN A 219 -6.91 0.94 -14.43
C ASN A 219 -6.94 1.68 -13.09
N LEU A 220 -5.80 2.30 -12.73
CA LEU A 220 -5.67 2.90 -11.41
C LEU A 220 -6.63 4.08 -11.23
N ALA A 221 -6.93 4.83 -12.30
CA ALA A 221 -7.83 5.98 -12.16
C ALA A 221 -9.24 5.50 -11.82
N LEU A 222 -9.65 4.38 -12.43
CA LEU A 222 -10.93 3.77 -12.13
C LEU A 222 -10.97 3.32 -10.69
N LEU A 223 -9.87 2.70 -10.24
CA LEU A 223 -9.73 2.23 -8.86
C LEU A 223 -10.04 3.37 -7.88
N LEU A 224 -9.45 4.54 -8.16
CA LEU A 224 -9.56 5.73 -7.31
C LEU A 224 -11.00 6.26 -7.30
N SER A 225 -11.69 6.11 -8.45
CA SER A 225 -13.03 6.63 -8.64
C SER A 225 -14.03 5.88 -7.76
N LEU A 226 -13.60 4.74 -7.21
CA LEU A 226 -14.49 3.86 -6.47
C LEU A 226 -14.47 4.23 -4.99
N LEU A 227 -13.59 5.14 -4.60
CA LEU A 227 -13.69 5.69 -3.25
C LEU A 227 -13.88 7.20 -3.43
N ASN A 228 -13.67 7.95 -2.34
CA ASN A 228 -13.74 9.39 -2.40
C ASN A 228 -12.35 9.99 -2.18
N PRO A 229 -11.67 10.54 -3.24
CA PRO A 229 -10.25 10.92 -3.11
C PRO A 229 -9.93 12.27 -2.49
N SER A 230 -10.95 12.92 -1.92
CA SER A 230 -10.83 14.14 -1.14
C SER A 230 -10.79 13.82 0.35
N ARG A 231 -11.12 12.57 0.71
CA ARG A 231 -11.25 12.13 2.10
C ARG A 231 -10.15 11.12 2.42
N TYR A 232 -9.13 11.58 3.15
CA TYR A 232 -8.03 10.69 3.51
C TYR A 232 -7.34 11.18 4.77
N PHE A 233 -6.56 10.29 5.37
CA PHE A 233 -5.61 10.70 6.38
C PHE A 233 -4.26 10.96 5.70
N ARG A 234 -3.42 11.78 6.32
CA ARG A 234 -2.15 12.18 5.74
C ARG A 234 -1.13 12.34 6.86
N TYR A 235 0.07 11.75 6.71
CA TYR A 235 1.10 11.91 7.74
C TYR A 235 2.44 11.46 7.16
N LEU A 236 3.55 11.84 7.82
CA LEU A 236 4.88 11.32 7.47
C LEU A 236 5.20 10.03 8.21
N GLY A 237 5.51 8.99 7.43
CA GLY A 237 6.00 7.77 8.04
C GLY A 237 6.94 6.97 7.13
N SER A 238 6.81 5.64 7.23
CA SER A 238 7.83 4.74 6.72
C SER A 238 7.22 3.68 5.83
N LEU A 239 8.13 2.95 5.15
CA LEU A 239 7.90 1.61 4.63
C LEU A 239 7.51 0.73 5.79
N THR A 240 6.59 -0.23 5.53
CA THR A 240 6.10 -1.14 6.54
C THR A 240 6.72 -2.54 6.43
N THR A 241 7.73 -2.68 5.56
CA THR A 241 8.62 -3.84 5.53
C THR A 241 10.05 -3.37 5.80
N PRO A 242 10.94 -4.20 6.39
CA PRO A 242 12.34 -3.79 6.53
C PRO A 242 12.89 -3.31 5.18
N PRO A 243 13.74 -2.27 5.12
CA PRO A 243 14.26 -1.59 6.33
C PRO A 243 13.50 -0.41 6.92
N CYS A 244 12.19 -0.29 6.63
CA CYS A 244 11.27 0.66 7.26
C CYS A 244 11.71 2.12 7.10
N THR A 245 12.14 2.54 5.90
CA THR A 245 12.71 3.87 5.71
C THR A 245 11.69 4.98 5.99
N GLU A 246 12.12 6.00 6.75
CA GLU A 246 11.24 7.10 7.14
C GLU A 246 11.26 8.19 6.07
N ASN A 247 10.57 7.92 4.95
CA ASN A 247 10.57 8.83 3.81
C ASN A 247 9.28 8.64 3.03
N VAL A 248 8.24 8.18 3.73
CA VAL A 248 6.96 8.05 3.06
C VAL A 248 6.00 9.14 3.53
N LEU A 249 5.61 9.99 2.59
CA LEU A 249 4.39 10.77 2.71
C LEU A 249 3.21 9.83 2.46
N TRP A 250 2.49 9.52 3.55
CA TRP A 250 1.39 8.56 3.54
C TRP A 250 0.09 9.30 3.23
N THR A 251 -0.73 8.69 2.37
CA THR A 251 -2.12 9.06 2.19
C THR A 251 -2.94 7.77 2.30
N VAL A 252 -3.88 7.70 3.25
CA VAL A 252 -4.77 6.55 3.37
C VAL A 252 -6.20 7.03 3.19
N PHE A 253 -6.92 6.51 2.20
CA PHE A 253 -8.32 6.90 2.00
C PHE A 253 -9.24 6.30 3.05
N ILE A 254 -10.32 7.03 3.32
CA ILE A 254 -11.24 6.70 4.40
C ILE A 254 -12.29 5.68 3.98
N ASP A 255 -12.81 5.81 2.76
CA ASP A 255 -13.86 4.94 2.24
C ASP A 255 -13.24 3.72 1.57
N PRO A 256 -13.61 2.49 1.96
CA PRO A 256 -13.05 1.30 1.32
C PRO A 256 -13.70 1.09 -0.04
N VAL A 257 -12.97 0.45 -0.98
CA VAL A 257 -13.57 -0.18 -2.15
C VAL A 257 -14.00 -1.61 -1.81
N LEU A 258 -14.71 -2.26 -2.74
CA LEU A 258 -15.48 -3.47 -2.47
C LEU A 258 -14.86 -4.72 -3.14
N ILE A 259 -14.79 -5.81 -2.37
CA ILE A 259 -14.40 -7.14 -2.86
C ILE A 259 -15.34 -8.20 -2.30
N THR A 260 -15.33 -9.39 -2.96
CA THR A 260 -16.15 -10.54 -2.61
C THR A 260 -15.30 -11.54 -1.84
N ARG A 261 -15.93 -12.54 -1.21
CA ARG A 261 -15.14 -13.54 -0.50
C ARG A 261 -14.35 -14.35 -1.53
N GLU A 262 -14.96 -14.56 -2.70
CA GLU A 262 -14.35 -15.30 -3.78
C GLU A 262 -13.02 -14.62 -4.10
N GLN A 263 -13.08 -13.28 -4.17
CA GLN A 263 -12.00 -12.44 -4.67
C GLN A 263 -10.80 -12.48 -3.72
N ILE A 264 -11.06 -12.20 -2.44
CA ILE A 264 -10.03 -12.21 -1.41
C ILE A 264 -9.30 -13.55 -1.42
N ASN A 265 -10.06 -14.66 -1.54
CA ASN A 265 -9.45 -15.96 -1.38
C ASN A 265 -8.37 -16.25 -2.41
N LEU A 266 -8.44 -15.63 -3.60
CA LEU A 266 -7.42 -15.85 -4.61
C LEU A 266 -6.04 -15.44 -4.10
N PHE A 267 -6.02 -14.45 -3.19
CA PHE A 267 -4.79 -14.00 -2.56
C PHE A 267 -4.21 -15.13 -1.70
N ARG A 268 -5.06 -15.78 -0.88
CA ARG A 268 -4.55 -16.75 0.08
C ARG A 268 -4.00 -17.98 -0.65
N ASN A 269 -4.20 -18.03 -1.96
CA ASN A 269 -3.73 -19.17 -2.74
C ASN A 269 -2.23 -19.11 -2.99
N LEU A 270 -1.63 -17.91 -2.99
CA LEU A 270 -0.20 -17.75 -3.26
C LEU A 270 0.62 -18.40 -2.15
N PRO A 271 1.70 -19.17 -2.47
CA PRO A 271 2.63 -19.66 -1.46
C PRO A 271 3.60 -18.58 -0.96
N TYR A 272 3.95 -18.64 0.32
CA TYR A 272 5.02 -17.83 0.89
C TYR A 272 6.40 -18.40 0.56
N GLY A 273 7.44 -17.54 0.69
CA GLY A 273 8.83 -17.92 0.49
C GLY A 273 9.36 -18.81 1.62
N SER A 274 10.64 -19.22 1.47
CA SER A 274 11.28 -20.19 2.34
C SER A 274 11.37 -19.71 3.79
N ASN A 275 11.38 -18.38 3.96
CA ASN A 275 11.67 -17.76 5.25
C ASN A 275 10.47 -17.85 6.20
N GLU A 276 9.31 -18.32 5.68
CA GLU A 276 8.09 -18.24 6.48
C GLU A 276 7.74 -19.60 7.09
N LYS A 277 7.26 -19.59 8.35
CA LYS A 277 6.73 -20.75 9.04
C LYS A 277 5.38 -21.19 8.46
N GLN A 278 4.55 -20.24 8.04
CA GLN A 278 3.26 -20.53 7.41
C GLN A 278 3.49 -20.84 5.93
N THR A 279 2.62 -21.66 5.33
CA THR A 279 2.79 -22.06 3.93
C THR A 279 2.07 -21.10 2.98
N ARG A 280 0.76 -20.93 3.22
CA ARG A 280 -0.08 -20.07 2.40
C ARG A 280 0.14 -18.61 2.84
N MET A 281 0.33 -17.72 1.85
CA MET A 281 0.59 -16.30 2.08
C MET A 281 -0.60 -15.65 2.76
N GLY A 282 -0.32 -14.98 3.89
CA GLY A 282 -1.36 -14.34 4.69
C GLY A 282 -0.83 -13.84 6.04
N ASP A 283 -1.57 -12.89 6.62
CA ASP A 283 -1.09 -12.13 7.77
C ASP A 283 0.19 -11.38 7.39
N ASN A 284 0.32 -11.02 6.12
CA ASN A 284 1.50 -10.29 5.70
C ASN A 284 1.31 -8.80 5.99
N PHE A 285 1.09 -8.46 7.26
CA PHE A 285 0.90 -7.08 7.67
C PHE A 285 1.74 -6.82 8.92
N ARG A 286 2.20 -5.58 9.12
CA ARG A 286 3.05 -5.24 10.26
C ARG A 286 2.19 -4.79 11.44
N PRO A 287 2.54 -5.09 12.71
CA PRO A 287 1.76 -4.56 13.84
C PRO A 287 1.76 -3.02 13.85
N ILE A 288 0.81 -2.48 14.61
CA ILE A 288 0.51 -1.07 14.71
C ILE A 288 1.63 -0.38 15.48
N GLN A 289 2.22 0.66 14.87
CA GLN A 289 3.18 1.55 15.52
C GLN A 289 2.44 2.75 16.13
N LEU A 290 3.07 3.42 17.12
CA LEU A 290 2.54 4.61 17.75
C LEU A 290 2.78 5.80 16.84
N LEU A 291 1.87 6.79 16.84
CA LEU A 291 2.17 8.05 16.14
C LEU A 291 3.42 8.71 16.72
N ASN A 292 3.51 8.80 18.04
CA ASN A 292 4.65 9.43 18.68
C ASN A 292 5.14 8.59 19.85
N PRO A 293 6.08 7.63 19.67
CA PRO A 293 6.66 6.90 20.80
C PRO A 293 7.23 7.89 21.81
N ILE A 294 7.33 7.51 23.09
CA ILE A 294 7.64 8.48 24.14
C ILE A 294 9.08 8.95 23.98
N ASP A 295 9.87 8.16 23.27
CA ASP A 295 11.25 8.54 23.05
C ASP A 295 11.39 9.43 21.79
N THR A 296 10.31 9.97 21.24
CA THR A 296 10.45 10.78 20.02
C THR A 296 11.10 12.11 20.37
N LEU A 297 11.82 12.68 19.39
CA LEU A 297 12.53 13.93 19.61
C LEU A 297 11.86 15.13 18.90
N ALA A 298 10.89 14.87 18.01
CA ALA A 298 10.06 15.91 17.42
C ALA A 298 8.74 15.27 17.00
N SER A 299 7.65 15.57 17.70
CA SER A 299 6.40 14.87 17.44
C SER A 299 5.93 15.11 16.01
N ARG A 300 5.16 14.18 15.44
CA ARG A 300 4.53 14.45 14.15
C ARG A 300 3.02 14.49 14.36
N THR A 301 2.30 14.97 13.35
CA THR A 301 0.85 15.13 13.47
C THR A 301 0.14 14.28 12.41
N LEU A 302 -0.98 13.69 12.79
CA LEU A 302 -1.85 13.10 11.79
C LEU A 302 -2.82 14.16 11.31
N TYR A 303 -2.84 14.37 9.98
CA TYR A 303 -3.76 15.27 9.29
C TYR A 303 -4.89 14.50 8.62
N ARG A 304 -5.95 15.24 8.26
CA ARG A 304 -7.06 14.61 7.57
C ARG A 304 -7.61 15.63 6.56
N ALA A 305 -8.10 15.14 5.42
CA ALA A 305 -8.61 15.99 4.35
C ALA A 305 -10.09 15.69 4.14
N THR A 306 -10.83 16.66 3.62
CA THR A 306 -12.24 16.47 3.35
C THR A 306 -12.60 17.25 2.09
N ALA A 307 -13.75 16.96 1.47
CA ALA A 307 -14.08 17.50 0.15
C ALA A 307 -14.48 18.96 0.25
N ARG A 308 -14.33 19.69 -0.88
CA ARG A 308 -14.89 21.01 -1.15
C ARG A 308 -15.14 21.79 0.16
#